data_4PQ1
#
_entry.id   4PQ1
#
_cell.length_a   78.103
_cell.length_b   36.162
_cell.length_c   62.522
_cell.angle_alpha   90.00
_cell.angle_beta   67.89
_cell.angle_gamma   90.00
#
_symmetry.space_group_name_H-M   'P 1 21 1'
#
loop_
_entity.id
_entity.type
_entity.pdbx_description
1 polymer 'Putative electron transport related protein'
2 water water
#
_entity_poly.entity_id   1
_entity_poly.type   'polypeptide(L)'
_entity_poly.pdbx_seq_one_letter_code
;GTFQFHSPGGKTEIFYDEGERAPVSEIRGEGLTSDSVSLADYKDKIVVLNAWGQWCAPCRSESDDLQEVHEYLGDKGTVV
GINVRDYSKNIAQDFVKDNGITYPSIYDPPFKTAAQLGGVPASVVPTTIVLDKQHRPAAVFLREVTAQDLIKVIDSLS
;
_entity_poly.pdbx_strand_id   A,B
#
# COMPACT_ATOMS: atom_id res chain seq x y z
N GLY A 1 -2.12 -5.39 12.36
CA GLY A 1 -2.18 -5.02 10.96
C GLY A 1 -1.00 -5.49 10.12
N THR A 2 0.10 -5.91 10.74
CA THR A 2 1.23 -6.41 9.99
C THR A 2 1.06 -7.91 9.69
N PHE A 3 1.78 -8.38 8.67
CA PHE A 3 1.83 -9.79 8.30
C PHE A 3 2.11 -10.73 9.46
N GLN A 4 1.37 -11.82 9.51
CA GLN A 4 1.60 -12.91 10.45
C GLN A 4 1.61 -14.18 9.65
N PHE A 5 2.71 -14.94 9.76
CA PHE A 5 2.84 -16.19 9.05
C PHE A 5 2.15 -17.29 9.84
N HIS A 6 1.08 -17.82 9.32
CA HIS A 6 0.33 -18.85 10.01
C HIS A 6 0.75 -20.20 9.49
N SER A 7 0.44 -21.24 10.28
CA SER A 7 0.78 -22.62 9.95
C SER A 7 0.69 -22.93 8.47
N PRO A 8 1.80 -23.38 7.88
CA PRO A 8 1.82 -23.87 6.50
C PRO A 8 1.08 -25.21 6.39
N GLY A 9 0.94 -25.92 7.51
CA GLY A 9 0.18 -27.17 7.53
C GLY A 9 0.76 -28.27 6.66
N GLY A 10 2.07 -28.48 6.77
CA GLY A 10 2.77 -29.53 6.02
C GLY A 10 3.30 -29.12 4.65
N LYS A 11 2.89 -27.93 4.19
CA LYS A 11 3.22 -27.49 2.85
C LYS A 11 4.53 -26.73 2.85
N THR A 12 5.21 -26.72 1.70
CA THR A 12 6.50 -26.04 1.54
C THR A 12 6.37 -24.67 0.87
N GLU A 13 5.14 -24.31 0.51
CA GLU A 13 4.91 -23.00 -0.07
C GLU A 13 3.48 -22.57 0.23
N ILE A 14 3.28 -21.25 0.30
N ILE A 14 3.25 -21.26 0.29
CA ILE A 14 1.98 -20.64 0.60
CA ILE A 14 1.91 -20.74 0.53
C ILE A 14 1.78 -19.41 -0.28
C ILE A 14 1.72 -19.39 -0.16
N PHE A 15 0.57 -19.24 -0.81
CA PHE A 15 0.28 -18.07 -1.64
C PHE A 15 -0.84 -17.23 -1.02
N TYR A 16 -0.75 -15.92 -1.15
CA TYR A 16 -1.77 -15.04 -0.57
C TYR A 16 -2.47 -14.16 -1.62
N ASP A 17 -3.78 -14.34 -1.69
CA ASP A 17 -4.65 -13.44 -2.44
C ASP A 17 -4.55 -12.05 -1.87
N GLU A 18 -4.69 -11.06 -2.75
CA GLU A 18 -4.66 -9.66 -2.30
C GLU A 18 -5.53 -9.44 -1.07
N GLY A 19 -6.72 -10.05 -1.06
CA GLY A 19 -7.66 -9.89 0.02
C GLY A 19 -7.12 -10.21 1.40
N GLU A 20 -6.21 -11.19 1.48
CA GLU A 20 -5.74 -11.66 2.78
C GLU A 20 -4.35 -11.16 3.13
N ARG A 21 -3.85 -10.20 2.37
CA ARG A 21 -2.49 -9.73 2.56
C ARG A 21 -2.37 -8.62 3.59
N ALA A 22 -1.26 -8.63 4.31
CA ALA A 22 -0.92 -7.54 5.22
C ALA A 22 0.56 -7.21 5.01
N PRO A 23 0.91 -5.94 5.21
CA PRO A 23 2.33 -5.53 5.07
C PRO A 23 3.25 -6.15 6.13
N VAL A 24 4.52 -6.38 5.77
CA VAL A 24 5.52 -6.82 6.75
C VAL A 24 5.97 -5.63 7.58
N SER A 25 6.53 -5.90 8.76
CA SER A 25 7.09 -4.84 9.61
C SER A 25 8.27 -4.18 8.92
N GLU A 26 8.87 -3.22 9.63
CA GLU A 26 10.01 -2.49 9.09
C GLU A 26 11.23 -3.38 9.06
N ILE A 27 11.82 -3.50 7.87
CA ILE A 27 13.06 -4.25 7.74
C ILE A 27 14.17 -3.29 7.34
N ARG A 28 15.17 -3.18 8.23
CA ARG A 28 16.36 -2.38 8.02
C ARG A 28 17.50 -3.10 8.73
N GLY A 29 18.75 -2.88 8.30
CA GLY A 29 19.89 -3.50 8.97
C GLY A 29 21.26 -3.25 8.38
N GLU A 30 22.29 -3.77 9.04
CA GLU A 30 23.65 -3.70 8.53
C GLU A 30 23.71 -4.47 7.20
N GLY A 31 24.29 -3.87 6.18
CA GLY A 31 24.42 -4.55 4.91
C GLY A 31 25.59 -5.51 4.90
N LEU A 32 25.62 -6.40 3.93
CA LEU A 32 26.71 -7.36 3.80
C LEU A 32 27.81 -6.76 2.96
N THR A 33 27.43 -5.93 2.01
CA THR A 33 28.39 -5.23 1.15
C THR A 33 28.12 -3.74 1.11
N SER A 34 27.41 -3.25 2.12
N SER A 34 27.42 -3.24 2.13
CA SER A 34 27.10 -1.82 2.25
CA SER A 34 27.08 -1.84 2.25
C SER A 34 26.85 -1.47 3.71
C SER A 34 26.85 -1.47 3.72
N ASP A 35 26.88 -0.18 4.02
CA ASP A 35 26.62 0.27 5.39
C ASP A 35 25.25 -0.20 5.90
N SER A 36 24.18 0.26 5.26
CA SER A 36 22.85 -0.16 5.64
C SER A 36 22.10 -0.73 4.45
N VAL A 37 21.04 -1.49 4.74
CA VAL A 37 20.10 -2.01 3.75
C VAL A 37 18.70 -1.87 4.34
N SER A 38 17.75 -1.38 3.55
CA SER A 38 16.41 -1.07 4.07
C SER A 38 15.30 -1.26 3.06
N LEU A 39 14.25 -2.01 3.43
CA LEU A 39 13.12 -2.19 2.50
C LEU A 39 12.48 -0.85 2.13
N ALA A 40 12.58 0.12 3.04
CA ALA A 40 11.99 1.43 2.82
C ALA A 40 12.60 2.12 1.60
N ASP A 41 13.77 1.67 1.19
CA ASP A 41 14.41 2.20 -0.01
C ASP A 41 13.76 1.67 -1.29
N TYR A 42 12.86 0.70 -1.13
CA TYR A 42 12.16 0.14 -2.30
C TYR A 42 10.63 0.26 -2.17
N LYS A 43 10.19 1.33 -1.51
CA LYS A 43 8.75 1.61 -1.38
C LYS A 43 8.09 1.61 -2.74
N ASP A 44 6.92 0.98 -2.83
CA ASP A 44 6.13 0.89 -4.06
C ASP A 44 6.81 0.05 -5.13
N LYS A 45 7.86 -0.66 -4.73
CA LYS A 45 8.54 -1.58 -5.64
C LYS A 45 8.39 -3.02 -5.15
N ILE A 46 8.40 -3.96 -6.09
CA ILE A 46 8.36 -5.37 -5.75
C ILE A 46 9.67 -5.77 -5.05
N VAL A 47 9.58 -6.61 -4.02
CA VAL A 47 10.74 -7.00 -3.26
C VAL A 47 10.74 -8.49 -2.97
N VAL A 48 11.80 -9.17 -3.42
CA VAL A 48 11.95 -10.60 -3.14
C VAL A 48 12.99 -10.81 -2.04
N LEU A 49 12.51 -11.22 -0.87
CA LEU A 49 13.37 -11.51 0.29
C LEU A 49 13.82 -12.96 0.29
N ASN A 50 15.11 -13.16 0.53
CA ASN A 50 15.69 -14.49 0.55
C ASN A 50 16.67 -14.64 1.68
N ALA A 51 16.37 -15.56 2.58
CA ALA A 51 17.26 -15.91 3.68
C ALA A 51 18.24 -16.97 3.21
N TRP A 52 19.53 -16.71 3.41
CA TRP A 52 20.57 -17.54 2.83
C TRP A 52 21.83 -17.50 3.70
N GLY A 53 22.76 -18.41 3.41
CA GLY A 53 24.09 -18.39 4.03
C GLY A 53 24.97 -19.16 3.08
N GLN A 54 26.24 -18.78 2.96
CA GLN A 54 27.15 -19.49 2.06
C GLN A 54 27.41 -20.93 2.51
N TRP A 55 27.13 -21.22 3.78
CA TRP A 55 27.34 -22.54 4.38
C TRP A 55 26.25 -23.52 3.96
N CYS A 56 25.30 -23.01 3.18
CA CYS A 56 24.04 -23.66 2.91
C CYS A 56 23.97 -24.15 1.47
N ALA A 57 23.98 -25.47 1.29
CA ALA A 57 24.12 -26.03 -0.05
C ALA A 57 22.93 -25.67 -0.97
N PRO A 58 21.68 -25.82 -0.49
CA PRO A 58 20.59 -25.32 -1.35
C PRO A 58 20.71 -23.85 -1.71
N CYS A 59 21.16 -23.02 -0.78
CA CYS A 59 21.32 -21.60 -1.09
C CYS A 59 22.29 -21.40 -2.25
N ARG A 60 23.45 -22.05 -2.20
CA ARG A 60 24.45 -22.01 -3.28
C ARG A 60 23.85 -22.48 -4.61
N SER A 61 23.11 -23.58 -4.55
CA SER A 61 22.39 -24.16 -5.68
C SER A 61 21.39 -23.18 -6.34
N GLU A 62 20.61 -22.46 -5.53
CA GLU A 62 19.56 -21.60 -6.08
C GLU A 62 20.07 -20.16 -6.29
N SER A 63 21.37 -19.94 -6.11
CA SER A 63 21.91 -18.58 -6.09
C SER A 63 21.83 -17.91 -7.45
N ASP A 64 22.18 -18.64 -8.51
CA ASP A 64 22.13 -18.10 -9.85
C ASP A 64 20.74 -17.66 -10.24
N ASP A 65 19.74 -18.42 -9.79
CA ASP A 65 18.36 -18.16 -10.14
C ASP A 65 17.87 -16.87 -9.49
N LEU A 66 18.25 -16.66 -8.24
CA LEU A 66 17.87 -15.44 -7.56
C LEU A 66 18.52 -14.25 -8.26
N GLN A 67 19.73 -14.43 -8.78
CA GLN A 67 20.38 -13.39 -9.56
C GLN A 67 19.55 -13.10 -10.80
N GLU A 68 19.00 -14.16 -11.38
CA GLU A 68 18.22 -14.06 -12.60
C GLU A 68 16.97 -13.21 -12.36
N VAL A 69 16.22 -13.59 -11.32
CA VAL A 69 15.04 -12.87 -10.86
C VAL A 69 15.33 -11.41 -10.59
N HIS A 70 16.45 -11.15 -9.91
CA HIS A 70 16.84 -9.77 -9.61
C HIS A 70 16.95 -8.95 -10.87
N GLU A 71 17.59 -9.53 -11.87
CA GLU A 71 17.72 -8.90 -13.17
C GLU A 71 16.38 -8.77 -13.88
N TYR A 72 15.53 -9.78 -13.75
CA TYR A 72 14.23 -9.80 -14.42
C TYR A 72 13.35 -8.66 -13.88
N LEU A 73 13.49 -8.39 -12.58
CA LEU A 73 12.69 -7.33 -11.96
C LEU A 73 13.13 -5.96 -12.44
N GLY A 74 14.44 -5.78 -12.56
CA GLY A 74 15.01 -4.55 -13.08
C GLY A 74 14.58 -3.32 -12.31
N ASP A 75 13.96 -2.38 -13.00
CA ASP A 75 13.46 -1.13 -12.41
C ASP A 75 12.36 -1.37 -11.40
N LYS A 76 11.51 -2.34 -11.73
CA LYS A 76 10.27 -2.59 -11.01
C LYS A 76 10.47 -3.13 -9.60
N GLY A 77 11.71 -3.53 -9.28
CA GLY A 77 12.00 -4.05 -7.96
C GLY A 77 13.40 -4.58 -7.76
N THR A 78 13.54 -5.50 -6.81
CA THR A 78 14.85 -5.94 -6.35
C THR A 78 14.74 -7.22 -5.53
N VAL A 79 15.81 -8.01 -5.52
CA VAL A 79 15.98 -9.06 -4.53
C VAL A 79 16.71 -8.43 -3.34
N VAL A 80 16.35 -8.83 -2.13
CA VAL A 80 17.11 -8.47 -0.94
C VAL A 80 17.43 -9.70 -0.12
N GLY A 81 18.71 -10.00 0.04
CA GLY A 81 19.09 -11.20 0.75
C GLY A 81 19.09 -10.94 2.25
N ILE A 82 18.82 -11.99 3.00
CA ILE A 82 18.97 -11.92 4.44
C ILE A 82 19.97 -13.01 4.83
N ASN A 83 21.22 -12.61 5.01
CA ASN A 83 22.31 -13.53 5.29
C ASN A 83 22.27 -13.96 6.75
N VAL A 84 21.94 -15.24 7.00
CA VAL A 84 21.82 -15.70 8.38
C VAL A 84 22.91 -16.76 8.70
N ARG A 85 23.29 -16.85 9.96
CA ARG A 85 24.17 -17.92 10.45
C ARG A 85 25.54 -17.92 9.79
N ASP A 86 25.87 -16.81 9.14
CA ASP A 86 27.22 -16.57 8.68
C ASP A 86 27.88 -15.64 9.69
N TYR A 87 28.48 -16.25 10.72
CA TYR A 87 29.07 -15.51 11.82
C TYR A 87 30.40 -14.89 11.45
N SER A 88 30.98 -15.39 10.37
CA SER A 88 32.15 -14.72 9.82
C SER A 88 31.68 -14.01 8.57
N LYS A 89 31.63 -12.69 8.66
CA LYS A 89 31.09 -11.88 7.57
C LYS A 89 31.93 -12.01 6.30
N ASN A 90 33.24 -12.17 6.44
CA ASN A 90 34.12 -12.05 5.27
C ASN A 90 33.91 -13.14 4.24
N ILE A 91 33.43 -14.30 4.68
CA ILE A 91 33.25 -15.40 3.75
C ILE A 91 31.90 -15.24 3.03
N ALA A 92 30.92 -14.64 3.71
CA ALA A 92 29.65 -14.32 3.07
C ALA A 92 29.88 -13.28 1.98
N GLN A 93 30.65 -12.24 2.29
CA GLN A 93 31.00 -11.23 1.28
C GLN A 93 31.76 -11.83 0.11
N ASP A 94 32.67 -12.76 0.41
CA ASP A 94 33.45 -13.43 -0.62
C ASP A 94 32.53 -14.20 -1.57
N PHE A 95 31.54 -14.87 -1.00
CA PHE A 95 30.55 -15.59 -1.79
C PHE A 95 29.81 -14.68 -2.76
N VAL A 96 29.56 -13.44 -2.36
CA VAL A 96 28.74 -12.53 -3.18
C VAL A 96 29.54 -12.02 -4.38
N LYS A 97 30.82 -11.72 -4.16
CA LYS A 97 31.66 -11.29 -5.27
C LYS A 97 31.99 -12.45 -6.19
N ASP A 98 32.16 -13.63 -5.61
CA ASP A 98 32.65 -14.78 -6.37
C ASP A 98 31.63 -15.26 -7.36
N ASN A 99 30.36 -15.03 -7.04
CA ASN A 99 29.28 -15.56 -7.84
C ASN A 99 28.54 -14.48 -8.58
N GLY A 100 29.11 -13.28 -8.56
CA GLY A 100 28.52 -12.17 -9.29
C GLY A 100 27.11 -11.79 -8.83
N ILE A 101 26.88 -11.89 -7.54
CA ILE A 101 25.61 -11.48 -6.94
C ILE A 101 25.61 -9.96 -6.80
N THR A 102 24.67 -9.28 -7.45
CA THR A 102 24.73 -7.83 -7.46
C THR A 102 23.64 -7.19 -6.61
N TYR A 103 22.80 -8.00 -5.96
CA TYR A 103 21.76 -7.44 -5.09
C TYR A 103 22.19 -7.40 -3.61
N PRO A 104 21.60 -6.46 -2.84
CA PRO A 104 22.08 -6.25 -1.47
C PRO A 104 21.58 -7.34 -0.52
N SER A 105 22.31 -7.54 0.57
CA SER A 105 21.89 -8.46 1.63
C SER A 105 21.96 -7.75 2.97
N ILE A 106 20.97 -8.02 3.81
CA ILE A 106 21.08 -7.63 5.21
C ILE A 106 21.93 -8.65 5.94
N TYR A 107 22.96 -8.20 6.65
CA TYR A 107 23.76 -9.12 7.43
C TYR A 107 23.13 -9.37 8.80
N ASP A 108 22.56 -10.56 8.97
CA ASP A 108 21.75 -10.83 10.14
C ASP A 108 22.04 -12.24 10.66
N PRO A 109 23.22 -12.44 11.28
CA PRO A 109 23.61 -13.81 11.68
C PRO A 109 22.57 -14.57 12.51
N PRO A 110 21.84 -13.90 13.45
CA PRO A 110 20.94 -14.75 14.22
C PRO A 110 19.49 -14.72 13.69
N PHE A 111 19.30 -14.10 12.54
CA PHE A 111 18.03 -14.08 11.84
C PHE A 111 16.93 -13.41 12.69
N LYS A 112 17.28 -12.27 13.26
CA LYS A 112 16.34 -11.53 14.07
C LYS A 112 15.20 -11.01 13.19
N THR A 113 15.49 -10.85 11.90
CA THR A 113 14.52 -10.38 10.91
C THR A 113 13.29 -11.28 10.83
N ALA A 114 13.46 -12.54 11.20
CA ALA A 114 12.35 -13.49 11.14
C ALA A 114 11.17 -12.98 11.96
N ALA A 115 11.48 -12.27 13.04
CA ALA A 115 10.48 -11.76 13.97
C ALA A 115 9.68 -10.63 13.35
N GLN A 116 10.33 -9.87 12.48
CA GLN A 116 9.67 -8.77 11.78
C GLN A 116 8.93 -9.25 10.54
N LEU A 117 9.18 -10.49 10.14
CA LEU A 117 8.57 -11.05 8.95
C LEU A 117 7.38 -11.92 9.35
N GLY A 118 6.85 -11.68 10.54
CA GLY A 118 5.60 -12.32 10.93
C GLY A 118 5.76 -13.73 11.43
N GLY A 119 6.96 -14.04 11.90
CA GLY A 119 7.23 -15.34 12.51
C GLY A 119 7.45 -16.46 11.50
N VAL A 120 7.99 -16.09 10.36
CA VAL A 120 8.52 -17.07 9.42
C VAL A 120 9.56 -17.94 10.16
N PRO A 121 9.54 -19.27 9.93
CA PRO A 121 10.40 -20.19 10.70
C PRO A 121 11.89 -19.89 10.53
N ALA A 122 12.60 -19.52 11.60
CA ALA A 122 14.05 -19.23 11.52
C ALA A 122 14.84 -20.49 11.21
N SER A 123 14.22 -21.65 11.42
CA SER A 123 14.86 -22.91 11.12
C SER A 123 15.04 -23.17 9.62
N VAL A 124 14.25 -22.49 8.79
CA VAL A 124 14.18 -22.85 7.38
C VAL A 124 15.05 -21.93 6.52
N VAL A 125 16.14 -22.47 6.00
CA VAL A 125 17.02 -21.75 5.09
C VAL A 125 17.38 -22.70 3.96
N PRO A 126 17.16 -22.27 2.70
CA PRO A 126 16.66 -20.94 2.37
C PRO A 126 15.14 -20.79 2.53
N THR A 127 14.70 -19.55 2.65
CA THR A 127 13.29 -19.16 2.59
C THR A 127 13.21 -18.00 1.63
N THR A 128 12.19 -17.99 0.78
CA THR A 128 11.99 -16.88 -0.12
C THR A 128 10.60 -16.28 0.04
N ILE A 129 10.55 -14.97 0.25
CA ILE A 129 9.26 -14.28 0.35
C ILE A 129 9.12 -13.24 -0.73
N VAL A 130 8.07 -13.37 -1.55
CA VAL A 130 7.82 -12.39 -2.59
C VAL A 130 6.82 -11.36 -2.04
N LEU A 131 7.27 -10.12 -1.88
CA LEU A 131 6.40 -9.05 -1.42
C LEU A 131 5.84 -8.27 -2.61
N ASP A 132 4.58 -7.81 -2.52
CA ASP A 132 4.01 -7.02 -3.62
C ASP A 132 4.40 -5.57 -3.43
N LYS A 133 3.77 -4.66 -4.14
CA LYS A 133 4.20 -3.26 -4.10
C LYS A 133 3.88 -2.60 -2.77
N GLN A 134 3.01 -3.22 -1.98
CA GLN A 134 2.68 -2.69 -0.66
C GLN A 134 3.50 -3.44 0.38
N HIS A 135 4.45 -4.23 -0.11
CA HIS A 135 5.36 -4.99 0.72
C HIS A 135 4.58 -5.94 1.60
N ARG A 136 3.66 -6.67 0.97
CA ARG A 136 2.84 -7.67 1.63
C ARG A 136 3.17 -8.99 0.98
N PRO A 137 3.36 -10.04 1.78
CA PRO A 137 3.75 -11.25 1.05
C PRO A 137 2.64 -11.76 0.13
N ALA A 138 3.03 -12.08 -1.11
CA ALA A 138 2.14 -12.72 -2.08
C ALA A 138 2.43 -14.21 -2.10
N ALA A 139 3.63 -14.58 -1.68
CA ALA A 139 4.05 -15.97 -1.67
C ALA A 139 5.18 -16.16 -0.65
N VAL A 140 5.12 -17.27 0.08
CA VAL A 140 6.23 -17.67 0.93
C VAL A 140 6.68 -19.08 0.56
N PHE A 141 7.97 -19.23 0.29
CA PHE A 141 8.53 -20.51 -0.10
C PHE A 141 9.46 -21.05 0.98
N LEU A 142 9.07 -22.18 1.59
CA LEU A 142 9.87 -22.80 2.65
C LEU A 142 10.71 -23.91 2.05
N ARG A 143 11.42 -23.56 0.99
CA ARG A 143 12.16 -24.50 0.20
C ARG A 143 13.00 -23.70 -0.75
N GLU A 144 14.03 -24.34 -1.29
CA GLU A 144 14.75 -23.82 -2.43
C GLU A 144 13.75 -23.51 -3.57
N VAL A 145 14.00 -22.42 -4.30
CA VAL A 145 13.14 -22.06 -5.42
C VAL A 145 13.93 -21.98 -6.72
N THR A 146 13.25 -22.16 -7.85
CA THR A 146 13.80 -21.82 -9.16
C THR A 146 13.42 -20.40 -9.54
N ALA A 147 14.04 -19.88 -10.58
CA ALA A 147 13.73 -18.54 -11.04
C ALA A 147 12.27 -18.44 -11.53
N GLN A 148 11.74 -19.56 -12.04
CA GLN A 148 10.41 -19.57 -12.61
C GLN A 148 9.33 -19.64 -11.51
N ASP A 149 9.67 -20.26 -10.37
CA ASP A 149 8.83 -20.20 -9.17
C ASP A 149 8.49 -18.75 -8.88
N LEU A 150 9.53 -17.94 -8.83
CA LEU A 150 9.41 -16.55 -8.44
C LEU A 150 8.80 -15.71 -9.53
N ILE A 151 9.25 -15.92 -10.76
CA ILE A 151 8.76 -15.14 -11.89
C ILE A 151 7.24 -15.29 -12.05
N LYS A 152 6.74 -16.52 -11.89
CA LYS A 152 5.32 -16.76 -12.00
C LYS A 152 4.54 -15.93 -11.01
N VAL A 153 5.02 -15.85 -9.78
CA VAL A 153 4.42 -14.99 -8.79
C VAL A 153 4.61 -13.55 -9.22
N ILE A 154 5.83 -13.20 -9.60
CA ILE A 154 6.16 -11.83 -10.00
C ILE A 154 5.14 -11.33 -11.01
N ASP A 155 4.95 -12.08 -12.08
CA ASP A 155 4.03 -11.72 -13.14
C ASP A 155 2.59 -11.47 -12.67
N SER A 156 2.14 -12.25 -11.70
CA SER A 156 0.78 -12.11 -11.19
C SER A 156 0.58 -10.79 -10.43
N LEU A 157 1.68 -10.13 -10.08
CA LEU A 157 1.59 -8.88 -9.33
C LEU A 157 1.52 -7.68 -10.27
N GLY B 1 2.62 16.79 4.61
CA GLY B 1 1.50 16.79 3.70
C GLY B 1 2.00 16.87 2.28
N THR B 2 2.74 15.85 1.88
CA THR B 2 3.49 15.89 0.64
C THR B 2 2.57 15.97 -0.58
N PHE B 3 1.30 15.53 -0.46
CA PHE B 3 0.47 15.51 -1.66
C PHE B 3 0.27 16.91 -2.25
N GLN B 4 0.48 16.99 -3.55
CA GLN B 4 0.39 18.23 -4.28
C GLN B 4 -0.44 18.03 -5.54
N PHE B 5 -1.50 18.82 -5.68
CA PHE B 5 -2.33 18.71 -6.88
C PHE B 5 -1.68 19.47 -8.03
N HIS B 6 -1.55 18.82 -9.19
CA HIS B 6 -1.00 19.47 -10.39
C HIS B 6 -1.97 19.42 -11.57
N SER B 7 -2.09 20.55 -12.26
CA SER B 7 -3.13 20.77 -13.24
C SER B 7 -3.21 19.77 -14.39
N PRO B 8 -4.29 18.97 -14.38
CA PRO B 8 -4.59 18.09 -15.50
C PRO B 8 -5.22 18.94 -16.59
N GLY B 9 -4.47 19.86 -17.18
CA GLY B 9 -4.99 20.78 -18.18
C GLY B 9 -5.95 20.11 -19.15
N GLY B 10 -7.25 20.30 -18.95
CA GLY B 10 -8.26 19.77 -19.84
C GLY B 10 -8.87 18.45 -19.42
N LYS B 11 -8.26 17.80 -18.44
CA LYS B 11 -8.75 16.51 -17.96
C LYS B 11 -9.76 16.70 -16.83
N THR B 12 -10.72 15.78 -16.70
CA THR B 12 -11.70 15.86 -15.62
C THR B 12 -11.52 14.76 -14.60
N GLU B 13 -10.46 13.99 -14.79
CA GLU B 13 -10.05 13.00 -13.82
C GLU B 13 -8.57 12.73 -14.00
N ILE B 14 -7.91 12.33 -12.93
CA ILE B 14 -6.48 12.04 -12.98
C ILE B 14 -6.21 10.85 -12.07
N PHE B 15 -5.38 9.93 -12.56
CA PHE B 15 -5.02 8.75 -11.80
C PHE B 15 -3.52 8.72 -11.49
N TYR B 16 -3.18 8.18 -10.33
CA TYR B 16 -1.81 8.11 -9.84
C TYR B 16 -1.35 6.68 -9.58
N ASP B 17 -0.37 6.21 -10.37
CA ASP B 17 0.28 4.95 -10.05
C ASP B 17 0.97 5.07 -8.71
N GLU B 18 1.16 3.92 -8.05
N GLU B 18 1.16 3.93 -8.05
CA GLU B 18 1.75 3.84 -6.72
CA GLU B 18 1.73 3.88 -6.69
C GLU B 18 3.05 4.63 -6.61
C GLU B 18 3.08 4.62 -6.59
N GLY B 19 3.80 4.67 -7.70
CA GLY B 19 5.06 5.38 -7.73
C GLY B 19 4.90 6.88 -7.64
N GLU B 20 3.74 7.39 -8.06
CA GLU B 20 3.49 8.83 -8.13
C GLU B 20 2.78 9.44 -6.91
N ARG B 21 2.42 8.62 -5.93
CA ARG B 21 1.57 9.07 -4.84
C ARG B 21 2.30 9.65 -3.63
N ALA B 22 1.62 10.56 -2.93
CA ALA B 22 2.09 11.11 -1.66
C ALA B 22 0.91 11.14 -0.67
N PRO B 23 1.19 11.07 0.64
CA PRO B 23 0.07 11.13 1.60
C PRO B 23 -0.54 12.53 1.77
N VAL B 24 -1.86 12.61 1.91
CA VAL B 24 -2.53 13.89 2.15
C VAL B 24 -2.14 14.38 3.53
N SER B 25 -2.13 15.71 3.70
CA SER B 25 -1.95 16.30 5.02
C SER B 25 -3.06 15.88 5.99
N GLU B 26 -2.92 16.27 7.25
CA GLU B 26 -3.84 15.78 8.28
C GLU B 26 -5.20 16.42 8.10
N ILE B 27 -6.23 15.59 7.98
CA ILE B 27 -7.59 16.07 7.75
C ILE B 27 -8.47 15.79 8.96
N ARG B 28 -8.87 16.86 9.64
CA ARG B 28 -9.72 16.80 10.81
C ARG B 28 -10.71 17.94 10.76
N GLY B 29 -11.92 17.71 11.25
CA GLY B 29 -12.87 18.79 11.32
C GLY B 29 -14.09 18.50 12.16
N GLU B 30 -14.86 19.55 12.42
CA GLU B 30 -16.18 19.44 12.95
C GLU B 30 -17.00 18.50 12.08
N GLY B 31 -17.72 17.57 12.72
CA GLY B 31 -18.61 16.69 12.00
C GLY B 31 -19.98 17.31 11.78
N LEU B 32 -20.61 16.93 10.67
CA LEU B 32 -21.94 17.40 10.32
C LEU B 32 -22.99 16.77 11.21
N THR B 33 -23.03 15.44 11.23
CA THR B 33 -24.01 14.70 12.02
C THR B 33 -23.29 13.81 13.02
N SER B 34 -22.05 14.16 13.29
CA SER B 34 -21.26 13.53 14.32
C SER B 34 -20.47 14.64 14.97
N ASP B 35 -19.80 14.36 16.09
CA ASP B 35 -19.10 15.44 16.77
C ASP B 35 -17.83 15.87 16.02
N SER B 36 -17.00 14.90 15.65
CA SER B 36 -15.74 15.24 15.03
C SER B 36 -15.29 14.08 14.15
N VAL B 37 -14.90 14.38 12.91
CA VAL B 37 -14.42 13.32 12.05
C VAL B 37 -12.98 13.59 11.63
N SER B 38 -12.25 12.49 11.45
CA SER B 38 -10.81 12.55 11.29
C SER B 38 -10.33 11.34 10.52
N LEU B 39 -9.50 11.56 9.50
CA LEU B 39 -8.99 10.47 8.71
C LEU B 39 -8.08 9.56 9.55
N ALA B 40 -7.44 10.15 10.55
CA ALA B 40 -6.65 9.40 11.53
C ALA B 40 -7.47 8.30 12.21
N ASP B 41 -8.79 8.38 12.12
CA ASP B 41 -9.68 7.34 12.65
C ASP B 41 -9.81 6.18 11.66
N TYR B 42 -9.31 6.38 10.44
CA TYR B 42 -9.41 5.36 9.41
C TYR B 42 -8.04 4.99 8.81
N LYS B 43 -7.01 4.96 9.66
CA LYS B 43 -5.66 4.57 9.21
C LYS B 43 -5.66 3.15 8.64
N ASP B 44 -4.79 2.91 7.66
CA ASP B 44 -4.73 1.63 6.93
C ASP B 44 -6.04 1.23 6.25
N LYS B 45 -6.96 2.17 6.12
CA LYS B 45 -8.20 1.92 5.40
C LYS B 45 -8.33 2.85 4.19
N ILE B 46 -8.90 2.35 3.11
CA ILE B 46 -9.23 3.16 1.94
C ILE B 46 -10.26 4.26 2.28
N VAL B 47 -9.95 5.51 1.94
CA VAL B 47 -10.88 6.61 2.21
C VAL B 47 -11.30 7.33 0.93
N VAL B 48 -12.60 7.40 0.66
CA VAL B 48 -13.10 8.16 -0.47
C VAL B 48 -13.59 9.53 0.00
N LEU B 49 -12.95 10.59 -0.45
CA LEU B 49 -13.34 11.92 -0.03
C LEU B 49 -14.25 12.55 -1.08
N ASN B 50 -15.32 13.19 -0.63
CA ASN B 50 -16.25 13.84 -1.55
C ASN B 50 -16.66 15.21 -1.04
N ALA B 51 -16.30 16.24 -1.79
CA ALA B 51 -16.75 17.59 -1.49
C ALA B 51 -18.14 17.78 -2.04
N TRP B 52 -19.09 18.19 -1.19
CA TRP B 52 -20.50 18.27 -1.61
C TRP B 52 -21.24 19.39 -0.91
N GLY B 53 -22.47 19.65 -1.36
CA GLY B 53 -23.40 20.56 -0.71
C GLY B 53 -24.81 20.19 -1.17
N GLN B 54 -25.83 20.45 -0.36
CA GLN B 54 -27.16 20.04 -0.79
C GLN B 54 -27.70 20.99 -1.88
N TRP B 55 -27.12 22.19 -1.93
CA TRP B 55 -27.40 23.19 -2.97
C TRP B 55 -26.90 22.80 -4.35
N CYS B 56 -26.23 21.65 -4.42
CA CYS B 56 -25.48 21.31 -5.62
C CYS B 56 -26.14 20.16 -6.35
N ALA B 57 -26.70 20.44 -7.53
CA ALA B 57 -27.48 19.43 -8.26
C ALA B 57 -26.64 18.19 -8.60
N PRO B 58 -25.45 18.35 -9.22
CA PRO B 58 -24.61 17.14 -9.40
C PRO B 58 -24.34 16.37 -8.11
N CYS B 59 -24.13 17.06 -6.98
CA CYS B 59 -23.96 16.34 -5.72
C CYS B 59 -25.19 15.51 -5.40
N ARG B 60 -26.37 16.11 -5.53
CA ARG B 60 -27.64 15.44 -5.25
C ARG B 60 -27.81 14.24 -6.19
N SER B 61 -27.48 14.44 -7.46
CA SER B 61 -27.53 13.36 -8.45
C SER B 61 -26.62 12.16 -8.14
N GLU B 62 -25.45 12.40 -7.55
CA GLU B 62 -24.50 11.31 -7.32
C GLU B 62 -24.59 10.74 -5.90
N SER B 63 -25.49 11.29 -5.09
CA SER B 63 -25.55 10.96 -3.66
C SER B 63 -25.83 9.48 -3.38
N ASP B 64 -26.75 8.89 -4.15
CA ASP B 64 -27.07 7.47 -3.97
C ASP B 64 -25.93 6.54 -4.36
N ASP B 65 -25.07 7.01 -5.26
CA ASP B 65 -23.97 6.20 -5.73
C ASP B 65 -22.86 6.18 -4.68
N LEU B 66 -22.55 7.34 -4.11
CA LEU B 66 -21.59 7.44 -3.02
C LEU B 66 -21.99 6.55 -1.84
N GLN B 67 -23.29 6.48 -1.57
CA GLN B 67 -23.77 5.63 -0.48
C GLN B 67 -23.45 4.18 -0.79
N GLU B 68 -23.78 3.77 -2.01
CA GLU B 68 -23.53 2.41 -2.49
C GLU B 68 -22.03 2.03 -2.40
N VAL B 69 -21.17 2.96 -2.79
CA VAL B 69 -19.74 2.78 -2.73
C VAL B 69 -19.31 2.59 -1.29
N HIS B 70 -19.89 3.41 -0.42
CA HIS B 70 -19.60 3.32 1.01
C HIS B 70 -19.99 1.95 1.57
N GLU B 71 -21.14 1.46 1.12
CA GLU B 71 -21.59 0.12 1.50
C GLU B 71 -20.62 -0.93 0.96
N TYR B 72 -20.19 -0.73 -0.29
CA TYR B 72 -19.25 -1.62 -0.97
C TYR B 72 -17.94 -1.73 -0.22
N LEU B 73 -17.49 -0.61 0.33
CA LEU B 73 -16.23 -0.60 1.04
C LEU B 73 -16.31 -1.47 2.29
N GLY B 74 -17.43 -1.40 3.01
CA GLY B 74 -17.61 -2.20 4.20
C GLY B 74 -16.48 -2.00 5.18
N ASP B 75 -15.79 -3.10 5.50
CA ASP B 75 -14.74 -3.08 6.50
C ASP B 75 -13.43 -2.49 6.00
N LYS B 76 -13.18 -2.53 4.70
CA LYS B 76 -11.87 -2.11 4.20
C LYS B 76 -11.79 -0.60 3.99
N GLY B 77 -12.93 0.09 4.08
CA GLY B 77 -12.92 1.52 3.82
C GLY B 77 -14.12 2.33 4.29
N THR B 78 -14.04 3.63 4.03
CA THR B 78 -15.14 4.55 4.32
C THR B 78 -15.19 5.66 3.28
N VAL B 79 -16.41 6.10 2.96
CA VAL B 79 -16.56 7.37 2.29
C VAL B 79 -16.56 8.42 3.41
N VAL B 80 -15.96 9.57 3.13
CA VAL B 80 -16.03 10.71 4.04
C VAL B 80 -16.36 11.97 3.26
N GLY B 81 -17.44 12.66 3.66
CA GLY B 81 -17.88 13.83 2.95
C GLY B 81 -17.21 15.08 3.47
N ILE B 82 -17.05 16.07 2.60
CA ILE B 82 -16.69 17.40 3.06
C ILE B 82 -17.80 18.36 2.63
N ASN B 83 -18.72 18.63 3.55
CA ASN B 83 -19.85 19.49 3.26
C ASN B 83 -19.36 20.93 3.13
N VAL B 84 -19.63 21.56 1.99
CA VAL B 84 -19.04 22.86 1.69
C VAL B 84 -20.09 23.88 1.25
N ARG B 85 -19.84 25.14 1.56
CA ARG B 85 -20.75 26.24 1.24
C ARG B 85 -22.22 25.99 1.61
N ASP B 86 -22.43 25.24 2.68
CA ASP B 86 -23.75 25.00 3.25
C ASP B 86 -23.81 25.69 4.61
N TYR B 87 -24.12 26.99 4.63
CA TYR B 87 -23.98 27.76 5.86
C TYR B 87 -25.08 27.48 6.87
N SER B 88 -26.14 26.83 6.43
CA SER B 88 -27.20 26.42 7.32
C SER B 88 -27.01 24.94 7.66
N LYS B 89 -26.25 24.68 8.72
CA LYS B 89 -25.82 23.32 9.04
C LYS B 89 -26.97 22.32 9.08
N ASN B 90 -28.15 22.79 9.48
CA ASN B 90 -29.29 21.89 9.66
C ASN B 90 -29.82 21.39 8.32
N ILE B 91 -29.75 22.23 7.29
CA ILE B 91 -30.15 21.80 5.95
C ILE B 91 -29.24 20.68 5.42
N ALA B 92 -27.93 20.80 5.62
CA ALA B 92 -27.01 19.73 5.22
C ALA B 92 -27.33 18.44 5.99
N GLN B 93 -27.50 18.57 7.29
CA GLN B 93 -27.93 17.45 8.14
C GLN B 93 -29.25 16.85 7.67
N ASP B 94 -30.25 17.71 7.41
CA ASP B 94 -31.53 17.29 6.83
C ASP B 94 -31.27 16.40 5.62
N PHE B 95 -30.44 16.89 4.70
CA PHE B 95 -30.13 16.16 3.48
C PHE B 95 -29.56 14.77 3.76
N VAL B 96 -28.75 14.65 4.81
CA VAL B 96 -28.10 13.39 5.13
C VAL B 96 -29.09 12.35 5.65
N LYS B 97 -30.04 12.80 6.47
CA LYS B 97 -31.02 11.89 7.06
C LYS B 97 -32.11 11.55 6.07
N ASP B 98 -32.61 12.58 5.36
CA ASP B 98 -33.69 12.38 4.40
C ASP B 98 -33.31 11.32 3.39
N ASN B 99 -32.04 11.25 3.02
CA ASN B 99 -31.62 10.36 1.95
C ASN B 99 -30.94 9.06 2.39
N GLY B 100 -30.80 8.86 3.70
CA GLY B 100 -30.24 7.62 4.22
C GLY B 100 -28.72 7.49 4.13
N ILE B 101 -28.02 8.62 4.13
CA ILE B 101 -26.57 8.62 4.08
C ILE B 101 -25.96 8.24 5.42
N THR B 102 -25.29 7.10 5.45
CA THR B 102 -24.76 6.59 6.71
C THR B 102 -23.29 6.89 6.88
N TYR B 103 -22.68 7.47 5.86
CA TYR B 103 -21.27 7.81 5.96
C TYR B 103 -21.13 9.23 6.52
N PRO B 104 -20.03 9.49 7.24
CA PRO B 104 -19.85 10.78 7.92
C PRO B 104 -19.32 11.87 7.01
N SER B 105 -19.51 13.13 7.40
CA SER B 105 -18.95 14.27 6.69
C SER B 105 -18.24 15.24 7.63
N ILE B 106 -17.19 15.89 7.14
CA ILE B 106 -16.67 17.08 7.78
C ILE B 106 -17.58 18.28 7.46
N TYR B 107 -17.81 19.15 8.44
CA TYR B 107 -18.57 20.36 8.19
C TYR B 107 -17.64 21.53 7.91
N ASP B 108 -17.42 21.83 6.63
CA ASP B 108 -16.44 22.83 6.24
C ASP B 108 -17.02 23.90 5.29
N PRO B 109 -17.88 24.82 5.81
CA PRO B 109 -18.52 25.80 4.92
C PRO B 109 -17.56 26.59 4.01
N PRO B 110 -16.42 27.10 4.55
CA PRO B 110 -15.55 27.82 3.62
C PRO B 110 -14.67 26.90 2.76
N PHE B 111 -14.86 25.60 2.86
CA PHE B 111 -14.01 24.61 2.20
C PHE B 111 -12.51 24.83 2.49
N LYS B 112 -12.16 24.92 3.77
CA LYS B 112 -10.77 25.05 4.19
C LYS B 112 -9.92 23.84 3.83
N THR B 113 -10.58 22.70 3.65
CA THR B 113 -9.90 21.44 3.43
C THR B 113 -9.29 21.38 2.03
N ALA B 114 -9.73 22.25 1.12
CA ALA B 114 -9.21 22.22 -0.23
C ALA B 114 -7.69 22.44 -0.25
N ALA B 115 -7.20 23.22 0.72
CA ALA B 115 -5.77 23.50 0.84
C ALA B 115 -5.02 22.34 1.50
N GLN B 116 -5.62 21.75 2.52
CA GLN B 116 -5.03 20.60 3.20
C GLN B 116 -4.95 19.37 2.30
N LEU B 117 -5.46 19.54 1.07
CA LEU B 117 -5.47 18.47 0.08
C LEU B 117 -4.64 18.86 -1.14
N GLY B 118 -3.61 19.68 -0.93
CA GLY B 118 -2.65 19.97 -1.99
C GLY B 118 -3.18 20.94 -3.02
N GLY B 119 -4.22 21.67 -2.63
CA GLY B 119 -4.70 22.78 -3.43
C GLY B 119 -5.55 22.39 -4.62
N VAL B 120 -6.40 21.38 -4.45
CA VAL B 120 -7.41 21.07 -5.45
C VAL B 120 -8.30 22.30 -5.55
N PRO B 121 -8.79 22.61 -6.77
CA PRO B 121 -9.56 23.85 -6.96
C PRO B 121 -10.87 23.86 -6.18
N ALA B 122 -11.07 24.86 -5.34
CA ALA B 122 -12.27 24.92 -4.49
C ALA B 122 -13.54 25.22 -5.29
N SER B 123 -13.40 25.58 -6.55
CA SER B 123 -14.56 25.90 -7.38
C SER B 123 -15.19 24.65 -7.98
N VAL B 124 -14.51 23.52 -7.86
CA VAL B 124 -15.01 22.29 -8.47
C VAL B 124 -15.77 21.46 -7.42
N VAL B 125 -17.08 21.66 -7.34
CA VAL B 125 -17.92 20.85 -6.46
C VAL B 125 -18.98 20.20 -7.35
N PRO B 126 -19.16 18.88 -7.23
CA PRO B 126 -18.43 17.99 -6.34
C PRO B 126 -17.03 17.63 -6.85
N THR B 127 -16.14 17.22 -5.94
CA THR B 127 -14.86 16.60 -6.28
C THR B 127 -14.78 15.32 -5.49
N THR B 128 -14.31 14.24 -6.11
CA THR B 128 -14.14 12.99 -5.39
C THR B 128 -12.69 12.53 -5.45
N ILE B 129 -12.15 12.21 -4.29
CA ILE B 129 -10.78 11.72 -4.19
C ILE B 129 -10.73 10.36 -3.52
N VAL B 130 -10.16 9.39 -4.23
CA VAL B 130 -10.00 8.05 -3.67
C VAL B 130 -8.61 7.90 -3.07
N LEU B 131 -8.54 7.78 -1.75
CA LEU B 131 -7.28 7.56 -1.04
C LEU B 131 -6.95 6.10 -0.85
N ASP B 132 -5.66 5.72 -0.93
CA ASP B 132 -5.29 4.32 -0.69
C ASP B 132 -5.03 4.10 0.80
N LYS B 133 -4.69 2.88 1.18
CA LYS B 133 -4.53 2.49 2.59
C LYS B 133 -3.52 3.35 3.38
N GLN B 134 -2.70 4.11 2.67
CA GLN B 134 -1.80 5.06 3.32
C GLN B 134 -2.31 6.47 3.22
N HIS B 135 -3.56 6.62 2.78
CA HIS B 135 -4.19 7.93 2.57
C HIS B 135 -3.41 8.75 1.54
N ARG B 136 -3.13 8.11 0.41
CA ARG B 136 -2.50 8.77 -0.72
C ARG B 136 -3.50 8.78 -1.86
N PRO B 137 -3.72 9.95 -2.49
CA PRO B 137 -4.62 10.02 -3.64
C PRO B 137 -4.20 9.07 -4.75
N ALA B 138 -5.15 8.26 -5.18
CA ALA B 138 -4.97 7.31 -6.27
C ALA B 138 -5.75 7.81 -7.46
N ALA B 139 -6.74 8.65 -7.17
CA ALA B 139 -7.64 9.13 -8.20
C ALA B 139 -8.33 10.39 -7.73
N VAL B 140 -8.30 11.41 -8.59
CA VAL B 140 -9.07 12.63 -8.36
C VAL B 140 -10.07 12.84 -9.48
N PHE B 141 -11.35 12.94 -9.14
CA PHE B 141 -12.38 13.23 -10.12
C PHE B 141 -12.88 14.65 -9.95
N LEU B 142 -12.68 15.47 -10.98
CA LEU B 142 -13.07 16.87 -10.93
C LEU B 142 -14.44 17.05 -11.60
N ARG B 143 -15.34 16.15 -11.24
CA ARG B 143 -16.61 15.97 -11.94
C ARG B 143 -17.49 15.06 -11.11
N GLU B 144 -18.77 14.98 -11.48
CA GLU B 144 -19.69 14.03 -10.87
C GLU B 144 -19.26 12.61 -11.20
N VAL B 145 -19.46 11.67 -10.26
CA VAL B 145 -19.02 10.31 -10.49
C VAL B 145 -20.17 9.32 -10.42
N THR B 146 -19.92 8.12 -10.90
CA THR B 146 -20.84 7.01 -10.67
C THR B 146 -20.19 6.10 -9.64
N ALA B 147 -20.97 5.15 -9.13
CA ALA B 147 -20.41 4.17 -8.22
C ALA B 147 -19.32 3.37 -8.92
N GLN B 148 -19.52 3.06 -10.18
CA GLN B 148 -18.57 2.25 -10.93
C GLN B 148 -17.26 2.98 -11.14
N ASP B 149 -17.31 4.29 -11.41
CA ASP B 149 -16.09 5.10 -11.42
C ASP B 149 -15.22 4.76 -10.23
N LEU B 150 -15.79 4.94 -9.04
CA LEU B 150 -15.07 4.74 -7.80
C LEU B 150 -14.69 3.27 -7.53
N ILE B 151 -15.61 2.35 -7.82
CA ILE B 151 -15.41 0.93 -7.55
C ILE B 151 -14.28 0.41 -8.42
N LYS B 152 -14.25 0.86 -9.66
CA LYS B 152 -13.14 0.53 -10.54
C LYS B 152 -11.81 0.81 -9.82
N VAL B 153 -11.64 2.03 -9.34
CA VAL B 153 -10.45 2.46 -8.63
C VAL B 153 -10.17 1.63 -7.37
N ILE B 154 -11.20 1.49 -6.54
CA ILE B 154 -11.08 0.77 -5.28
C ILE B 154 -10.55 -0.64 -5.48
N ASP B 155 -11.12 -1.35 -6.45
CA ASP B 155 -10.78 -2.74 -6.71
C ASP B 155 -9.28 -2.92 -7.00
N SER B 156 -8.67 -1.86 -7.53
CA SER B 156 -7.25 -1.88 -7.90
C SER B 156 -6.34 -1.55 -6.71
N LEU B 157 -6.94 -1.18 -5.59
CA LEU B 157 -6.16 -0.81 -4.41
C LEU B 157 -6.08 -1.91 -3.36
N SER B 158 -6.71 -3.05 -3.66
CA SER B 158 -6.77 -4.16 -2.72
C SER B 158 -5.39 -4.79 -2.51
#